data_8S6N
#
_entry.id   8S6N
#
_cell.length_a   74.715
_cell.length_b   83.486
_cell.length_c   170.398
_cell.angle_alpha   90.000
_cell.angle_beta   90.000
_cell.angle_gamma   90.000
#
_symmetry.space_group_name_H-M   'C 2 2 21'
#
loop_
_entity.id
_entity.type
_entity.pdbx_description
1 polymer 'RNA-binding protein RRM4'
2 polymer PAMPL1
3 water water
#
loop_
_entity_poly.entity_id
_entity_poly.type
_entity_poly.pdbx_seq_one_letter_code
_entity_poly.pdbx_strand_id
1 'polypeptide(L)'
;EAYTLSTLAALPAAEIVRLANSQSSSGLPLPKADPATVKATDDFIDSLQGKAAHDQKQKLGDQLFKKIRTFGVKGAPKLT
IHLLDSEDLRALAHLMNSYEDVLKEKVQHKVAAGLNKFGVKGAPKLTIHLLDSED
;
A,B,D,G
2 'polypeptide(L)' KLKPYVFDY E,C,F,H
#
# COMPACT_ATOMS: atom_id res chain seq x y z
N GLU A 1 -22.94 24.26 18.77
CA GLU A 1 -22.74 23.95 17.35
C GLU A 1 -23.90 23.39 16.47
N ALA A 2 -24.61 24.34 15.87
CA ALA A 2 -25.50 24.12 14.75
C ALA A 2 -24.68 24.23 13.46
N TYR A 3 -24.48 23.13 12.75
CA TYR A 3 -23.87 23.19 11.43
C TYR A 3 -24.77 23.96 10.46
N THR A 4 -24.15 24.75 9.58
CA THR A 4 -24.87 25.10 8.37
C THR A 4 -24.63 24.01 7.33
N LEU A 5 -25.42 24.05 6.27
CA LEU A 5 -25.17 23.14 5.15
C LEU A 5 -23.72 23.25 4.68
N SER A 6 -23.19 24.46 4.64
CA SER A 6 -21.85 24.66 4.09
C SER A 6 -20.78 24.08 5.01
N THR A 7 -20.85 24.34 6.32
CA THR A 7 -19.86 23.77 7.23
C THR A 7 -19.99 22.25 7.32
N LEU A 8 -21.21 21.74 7.25
CA LEU A 8 -21.38 20.28 7.24
C LEU A 8 -20.74 19.67 5.99
N ALA A 9 -20.96 20.29 4.82
CA ALA A 9 -20.42 19.75 3.56
C ALA A 9 -18.90 19.81 3.52
N ALA A 10 -18.30 20.60 4.39
CA ALA A 10 -16.85 20.71 4.49
C ALA A 10 -16.22 19.53 5.21
N LEU A 11 -17.02 18.70 5.90
CA LEU A 11 -16.54 17.50 6.56
C LEU A 11 -16.43 16.37 5.54
N PRO A 12 -15.58 15.38 5.80
CA PRO A 12 -15.56 14.20 4.93
C PRO A 12 -16.91 13.50 4.94
N ALA A 13 -17.23 12.85 3.82
CA ALA A 13 -18.49 12.14 3.69
C ALA A 13 -18.71 11.18 4.87
N ALA A 14 -17.67 10.45 5.28
CA ALA A 14 -17.83 9.47 6.36
C ALA A 14 -18.30 10.14 7.65
N GLU A 15 -17.84 11.36 7.92
CA GLU A 15 -18.23 12.05 9.14
C GLU A 15 -19.61 12.67 9.02
N ILE A 16 -19.98 13.15 7.82
CA ILE A 16 -21.34 13.63 7.62
C ILE A 16 -22.33 12.51 7.92
N VAL A 17 -22.05 11.33 7.38
CA VAL A 17 -22.93 10.18 7.56
C VAL A 17 -22.91 9.70 9.01
N ARG A 18 -21.74 9.71 9.65
CA ARG A 18 -21.70 9.39 11.07
C ARG A 18 -22.61 10.31 11.88
N LEU A 19 -22.53 11.61 11.61
CA LEU A 19 -23.38 12.56 12.31
C LEU A 19 -24.85 12.33 12.01
N ALA A 20 -25.17 12.07 10.73
CA ALA A 20 -26.56 11.81 10.36
C ALA A 20 -27.12 10.63 11.12
N ASN A 21 -26.30 9.61 11.36
CA ASN A 21 -26.76 8.39 11.99
C ASN A 21 -26.70 8.42 13.51
N SER A 22 -26.07 9.43 14.09
CA SER A 22 -26.02 9.56 15.54
C SER A 22 -27.35 10.11 16.04
N GLN A 23 -27.88 9.42 17.07
CA GLN A 23 -29.13 9.76 17.74
C GLN A 23 -29.20 11.23 18.08
N SER A 24 -28.02 11.84 18.24
CA SER A 24 -27.82 13.22 18.64
C SER A 24 -27.76 14.16 17.43
N SER A 25 -28.62 13.91 16.44
CA SER A 25 -28.65 14.71 15.22
C SER A 25 -29.42 15.96 15.58
N SER A 26 -28.94 16.67 16.59
CA SER A 26 -29.67 17.81 17.13
C SER A 26 -29.53 18.97 16.16
N GLY A 27 -30.46 19.08 15.23
CA GLY A 27 -30.47 20.22 14.33
C GLY A 27 -29.62 20.07 13.10
N LEU A 28 -29.32 18.85 12.66
CA LEU A 28 -28.43 18.86 11.51
C LEU A 28 -29.24 19.13 10.24
N PRO A 29 -28.70 19.94 9.34
CA PRO A 29 -29.43 20.24 8.10
C PRO A 29 -29.43 19.09 7.11
N LEU A 30 -29.97 17.96 7.53
CA LEU A 30 -30.10 16.77 6.69
C LEU A 30 -31.52 16.24 6.80
N PRO A 31 -32.08 15.73 5.71
CA PRO A 31 -33.36 15.03 5.80
C PRO A 31 -33.19 13.66 6.42
N LYS A 32 -34.30 13.10 6.89
CA LYS A 32 -34.32 11.73 7.37
C LYS A 32 -34.24 10.78 6.19
N ALA A 33 -33.26 9.87 6.23
CA ALA A 33 -33.02 8.96 5.11
C ALA A 33 -34.12 7.91 5.01
N ASP A 34 -34.40 7.50 3.77
CA ASP A 34 -35.29 6.38 3.50
C ASP A 34 -34.55 5.06 3.73
N PRO A 35 -35.00 4.21 4.66
CA PRO A 35 -34.25 2.98 4.94
C PRO A 35 -34.09 2.05 3.73
N ALA A 36 -35.10 1.97 2.85
CA ALA A 36 -34.94 1.12 1.68
C ALA A 36 -33.84 1.66 0.77
N THR A 37 -33.76 2.99 0.65
CA THR A 37 -32.67 3.60 -0.12
C THR A 37 -31.32 3.30 0.52
N VAL A 38 -31.24 3.44 1.85
CA VAL A 38 -29.99 3.15 2.54
C VAL A 38 -29.55 1.72 2.30
N LYS A 39 -30.49 0.77 2.40
CA LYS A 39 -30.14 -0.63 2.20
C LYS A 39 -29.70 -0.89 0.76
N ALA A 40 -30.41 -0.33 -0.21
CA ALA A 40 -30.01 -0.49 -1.60
C ALA A 40 -28.61 0.07 -1.84
N THR A 41 -28.30 1.21 -1.22
CA THR A 41 -26.97 1.77 -1.36
C THR A 41 -25.92 0.86 -0.75
N ASP A 42 -26.17 0.35 0.47
CA ASP A 42 -25.17 -0.50 1.12
C ASP A 42 -24.98 -1.82 0.37
N ASP A 43 -26.07 -2.41 -0.16
CA ASP A 43 -25.95 -3.63 -0.94
C ASP A 43 -25.12 -3.41 -2.20
N PHE A 44 -25.33 -2.27 -2.87
CA PHE A 44 -24.52 -1.93 -4.04
C PHE A 44 -23.04 -1.84 -3.69
N ILE A 45 -22.73 -1.10 -2.63
CA ILE A 45 -21.32 -0.97 -2.22
C ILE A 45 -20.76 -2.32 -1.78
N ASP A 46 -21.56 -3.11 -1.05
CA ASP A 46 -21.14 -4.47 -0.70
C ASP A 46 -20.70 -5.26 -1.94
N SER A 47 -21.46 -5.14 -3.04
CA SER A 47 -21.16 -5.88 -4.25
C SER A 47 -19.85 -5.46 -4.90
N LEU A 48 -19.29 -4.29 -4.54
CA LEU A 48 -18.03 -3.85 -5.11
C LEU A 48 -16.80 -4.38 -4.35
N GLN A 49 -16.99 -4.87 -3.13
CA GLN A 49 -15.85 -5.27 -2.33
C GLN A 49 -15.09 -6.42 -2.99
N GLY A 50 -13.77 -6.27 -3.10
CA GLY A 50 -12.93 -7.29 -3.68
C GLY A 50 -12.54 -7.03 -5.12
N LYS A 51 -13.26 -6.15 -5.82
CA LYS A 51 -12.93 -5.76 -7.17
C LYS A 51 -11.76 -4.79 -7.20
N ALA A 52 -11.13 -4.70 -8.36
CA ALA A 52 -10.06 -3.72 -8.56
C ALA A 52 -10.57 -2.33 -8.21
N ALA A 53 -9.66 -1.52 -7.65
CA ALA A 53 -10.02 -0.15 -7.25
C ALA A 53 -10.63 0.63 -8.40
N HIS A 54 -10.03 0.53 -9.59
CA HIS A 54 -10.55 1.26 -10.74
C HIS A 54 -11.99 0.85 -11.04
N ASP A 55 -12.29 -0.44 -10.87
CA ASP A 55 -13.62 -0.94 -11.19
C ASP A 55 -14.65 -0.47 -10.16
N GLN A 56 -14.27 -0.48 -8.88
CA GLN A 56 -15.15 0.06 -7.84
C GLN A 56 -15.46 1.52 -8.10
N LYS A 57 -14.44 2.30 -8.41
CA LYS A 57 -14.64 3.73 -8.62
C LYS A 57 -15.36 4.00 -9.94
N GLN A 58 -15.16 3.16 -10.95
CA GLN A 58 -15.93 3.31 -12.19
C GLN A 58 -17.40 3.08 -11.92
N LYS A 59 -17.72 2.02 -11.16
CA LYS A 59 -19.11 1.65 -10.93
C LYS A 59 -19.84 2.69 -10.08
N LEU A 60 -19.24 3.12 -8.96
CA LEU A 60 -19.86 4.21 -8.21
C LEU A 60 -19.82 5.51 -9.02
N GLY A 61 -18.71 5.75 -9.71
CA GLY A 61 -18.57 6.98 -10.49
C GLY A 61 -19.64 7.14 -11.56
N ASP A 62 -20.06 6.03 -12.18
CA ASP A 62 -21.13 6.10 -13.19
C ASP A 62 -22.35 6.80 -12.61
N GLN A 63 -22.75 6.41 -11.40
CA GLN A 63 -23.93 6.99 -10.76
C GLN A 63 -23.65 8.39 -10.21
N LEU A 64 -22.48 8.58 -9.58
CA LEU A 64 -22.13 9.89 -9.03
C LEU A 64 -22.00 10.93 -10.15
N PHE A 65 -21.39 10.56 -11.27
CA PHE A 65 -21.28 11.47 -12.40
C PHE A 65 -22.65 11.91 -12.90
N LYS A 66 -23.59 10.97 -13.03
CA LYS A 66 -24.95 11.34 -13.45
C LYS A 66 -25.59 12.27 -12.43
N LYS A 67 -25.34 12.03 -11.14
CA LYS A 67 -25.95 12.87 -10.12
C LYS A 67 -25.41 14.29 -10.22
N ILE A 68 -24.10 14.44 -10.36
CA ILE A 68 -23.50 15.77 -10.47
C ILE A 68 -23.98 16.47 -11.73
N ARG A 69 -24.20 15.71 -12.82
CA ARG A 69 -24.73 16.33 -14.02
C ARG A 69 -26.12 16.89 -13.77
N THR A 70 -26.92 16.24 -12.91
CA THR A 70 -28.24 16.80 -12.65
C THR A 70 -28.16 18.05 -11.78
N PHE A 71 -27.05 18.27 -11.09
CA PHE A 71 -26.85 19.53 -10.36
C PHE A 71 -26.60 20.70 -11.30
N GLY A 72 -26.33 20.43 -12.58
CA GLY A 72 -26.02 21.51 -13.49
C GLY A 72 -24.60 22.01 -13.41
N VAL A 73 -23.67 21.21 -12.90
CA VAL A 73 -22.31 21.68 -12.68
C VAL A 73 -21.42 21.15 -13.81
N LYS A 74 -20.70 22.07 -14.45
CA LYS A 74 -19.72 21.72 -15.47
C LYS A 74 -18.46 21.12 -14.84
N GLY A 75 -17.81 20.26 -15.61
CA GLY A 75 -16.63 19.58 -15.09
C GLY A 75 -16.97 18.38 -14.24
N ALA A 76 -18.17 17.82 -14.40
CA ALA A 76 -18.60 16.67 -13.60
C ALA A 76 -17.65 15.49 -13.64
N PRO A 77 -17.01 15.11 -14.75
CA PRO A 77 -16.06 14.00 -14.66
C PRO A 77 -14.91 14.30 -13.70
N LYS A 78 -14.35 15.52 -13.73
CA LYS A 78 -13.22 15.79 -12.86
C LYS A 78 -13.66 15.86 -11.40
N LEU A 79 -14.85 16.42 -11.15
CA LEU A 79 -15.37 16.44 -9.78
C LEU A 79 -15.63 15.02 -9.28
N THR A 80 -16.19 14.16 -10.13
CA THR A 80 -16.46 12.80 -9.74
C THR A 80 -15.17 12.08 -9.39
N ILE A 81 -14.13 12.25 -10.21
CA ILE A 81 -12.84 11.61 -9.93
C ILE A 81 -12.27 12.10 -8.61
N HIS A 82 -12.32 13.42 -8.38
CA HIS A 82 -11.77 13.98 -7.15
C HIS A 82 -12.51 13.44 -5.92
N LEU A 83 -13.84 13.38 -6.00
CA LEU A 83 -14.61 12.83 -4.87
C LEU A 83 -14.29 11.35 -4.64
N LEU A 84 -14.23 10.56 -5.72
CA LEU A 84 -13.92 9.14 -5.58
C LEU A 84 -12.55 8.93 -4.97
N ASP A 85 -11.63 9.87 -5.20
CA ASP A 85 -10.26 9.72 -4.72
C ASP A 85 -10.03 10.34 -3.36
N SER A 86 -10.99 11.08 -2.81
CA SER A 86 -10.80 11.78 -1.54
C SER A 86 -11.81 11.40 -0.47
N GLU A 87 -12.80 10.57 -0.79
CA GLU A 87 -13.88 10.24 0.14
C GLU A 87 -14.00 8.74 0.31
N ASP A 88 -14.53 8.33 1.47
CA ASP A 88 -14.91 6.94 1.66
C ASP A 88 -16.03 6.57 0.69
N LEU A 89 -15.82 5.48 -0.05
CA LEU A 89 -16.74 5.16 -1.13
C LEU A 89 -18.16 4.93 -0.62
N ARG A 90 -18.30 4.19 0.49
CA ARG A 90 -19.64 3.92 0.99
C ARG A 90 -20.34 5.19 1.43
N ALA A 91 -19.66 6.01 2.22
CA ALA A 91 -20.30 7.25 2.69
C ALA A 91 -20.61 8.18 1.53
N LEU A 92 -19.72 8.25 0.55
CA LEU A 92 -19.97 9.09 -0.63
C LEU A 92 -21.22 8.64 -1.36
N ALA A 93 -21.40 7.31 -1.49
CA ALA A 93 -22.60 6.79 -2.14
C ALA A 93 -23.86 7.16 -1.36
N HIS A 94 -23.77 7.17 -0.04
CA HIS A 94 -24.94 7.57 0.75
C HIS A 94 -25.25 9.06 0.58
N LEU A 95 -24.22 9.91 0.46
CA LEU A 95 -24.52 11.30 0.14
C LEU A 95 -25.26 11.39 -1.18
N MET A 96 -24.79 10.64 -2.18
CA MET A 96 -25.40 10.65 -3.50
C MET A 96 -26.86 10.23 -3.45
N ASN A 97 -27.19 9.19 -2.70
CA ASN A 97 -28.54 8.63 -2.77
C ASN A 97 -29.47 9.17 -1.69
N SER A 98 -28.95 9.68 -0.57
CA SER A 98 -29.82 10.12 0.52
C SER A 98 -29.65 11.56 0.93
N TYR A 99 -28.54 12.21 0.61
CA TYR A 99 -28.27 13.55 1.11
C TYR A 99 -27.80 14.44 -0.04
N GLU A 100 -28.64 14.53 -1.07
CA GLU A 100 -28.23 15.21 -2.28
C GLU A 100 -27.90 16.67 -2.03
N ASP A 101 -28.59 17.32 -1.10
CA ASP A 101 -28.34 18.75 -0.87
C ASP A 101 -26.96 18.99 -0.28
N VAL A 102 -26.54 18.16 0.68
CA VAL A 102 -25.19 18.35 1.20
C VAL A 102 -24.16 17.95 0.15
N LEU A 103 -24.47 16.97 -0.71
CA LEU A 103 -23.53 16.63 -1.79
C LEU A 103 -23.34 17.79 -2.74
N LYS A 104 -24.45 18.45 -3.14
CA LYS A 104 -24.28 19.61 -4.01
C LYS A 104 -23.44 20.69 -3.35
N GLU A 105 -23.65 20.90 -2.05
CA GLU A 105 -22.85 21.90 -1.35
C GLU A 105 -21.38 21.49 -1.26
N LYS A 106 -21.11 20.20 -1.03
CA LYS A 106 -19.73 19.74 -1.08
C LYS A 106 -19.14 19.99 -2.45
N VAL A 107 -19.93 19.75 -3.49
CA VAL A 107 -19.49 20.01 -4.85
C VAL A 107 -19.19 21.50 -5.05
N GLN A 108 -20.00 22.36 -4.44
CA GLN A 108 -19.75 23.80 -4.54
C GLN A 108 -18.42 24.19 -3.90
N HIS A 109 -18.08 23.58 -2.75
CA HIS A 109 -16.75 23.76 -2.18
C HIS A 109 -15.68 23.42 -3.20
N LYS A 110 -15.86 22.30 -3.91
CA LYS A 110 -14.88 21.91 -4.91
C LYS A 110 -14.84 22.90 -6.07
N VAL A 111 -16.00 23.38 -6.54
CA VAL A 111 -16.01 24.35 -7.63
C VAL A 111 -15.31 25.63 -7.20
N ALA A 112 -15.48 26.04 -5.95
CA ALA A 112 -14.84 27.25 -5.44
C ALA A 112 -13.31 27.13 -5.42
N ALA A 113 -12.78 25.92 -5.36
CA ALA A 113 -11.33 25.68 -5.43
C ALA A 113 -10.85 25.35 -6.84
N GLY A 114 -11.73 25.42 -7.83
CA GLY A 114 -11.32 25.15 -9.20
C GLY A 114 -11.13 23.68 -9.54
N LEU A 115 -11.60 22.77 -8.70
CA LEU A 115 -11.32 21.36 -8.90
C LEU A 115 -12.12 20.76 -10.05
N ASN A 116 -13.04 21.53 -10.63
CA ASN A 116 -13.76 21.11 -11.82
C ASN A 116 -13.13 21.63 -13.11
N LYS A 117 -11.99 22.30 -13.03
CA LYS A 117 -11.32 22.80 -14.23
C LYS A 117 -10.17 21.86 -14.60
N LYS B 1 -9.03 0.82 -20.33
CA LYS B 1 -10.27 0.54 -19.61
C LYS B 1 -10.35 1.53 -18.45
N LEU B 2 -10.72 1.02 -17.27
CA LEU B 2 -10.73 1.88 -16.09
C LEU B 2 -9.28 2.16 -15.74
N LYS B 3 -8.71 3.15 -16.43
CA LYS B 3 -7.42 3.63 -15.96
C LYS B 3 -7.68 4.92 -15.16
N PRO B 4 -8.04 6.06 -15.75
CA PRO B 4 -8.84 6.99 -14.97
C PRO B 4 -10.23 6.38 -15.04
N TYR B 5 -11.19 7.02 -14.43
CA TYR B 5 -12.47 6.39 -14.58
C TYR B 5 -13.22 7.21 -15.60
N VAL B 6 -14.09 6.57 -16.36
CA VAL B 6 -14.58 7.19 -17.59
C VAL B 6 -16.08 7.35 -17.54
N PHE B 7 -16.54 8.58 -17.59
CA PHE B 7 -17.96 8.83 -17.55
C PHE B 7 -18.38 9.66 -18.76
N ASP B 8 -19.19 9.06 -19.63
CA ASP B 8 -19.56 9.59 -20.95
C ASP B 8 -21.00 10.02 -20.73
N TYR B 9 -21.39 11.22 -21.14
CA TYR B 9 -22.81 11.28 -21.40
C TYR B 9 -23.06 12.24 -22.53
N GLU C 1 -6.29 20.40 -19.26
CA GLU C 1 -6.56 19.36 -18.29
C GLU C 1 -5.09 19.06 -17.89
N ALA C 2 -4.63 19.59 -16.77
CA ALA C 2 -3.28 19.25 -16.31
C ALA C 2 -3.30 17.84 -15.75
N TYR C 3 -2.60 16.92 -16.42
CA TYR C 3 -2.49 15.56 -15.91
C TYR C 3 -1.83 15.55 -14.54
N THR C 4 -2.35 14.72 -13.65
CA THR C 4 -1.54 14.30 -12.52
C THR C 4 -0.64 13.15 -12.98
N LEU C 5 0.36 12.83 -12.16
CA LEU C 5 1.19 11.67 -12.42
C LEU C 5 0.32 10.43 -12.61
N SER C 6 -0.72 10.27 -11.79
CA SER C 6 -1.53 9.06 -11.84
C SER C 6 -2.38 8.99 -13.11
N THR C 7 -3.03 10.09 -13.49
CA THR C 7 -3.83 10.05 -14.72
C THR C 7 -2.94 9.90 -15.95
N LEU C 8 -1.76 10.53 -15.94
CA LEU C 8 -0.80 10.34 -17.02
C LEU C 8 -0.35 8.88 -17.11
N ALA C 9 -0.09 8.25 -15.97
CA ALA C 9 0.37 6.86 -15.99
C ALA C 9 -0.71 5.91 -16.47
N ALA C 10 -1.96 6.36 -16.51
CA ALA C 10 -3.07 5.58 -17.01
C ALA C 10 -3.09 5.49 -18.54
N LEU C 11 -2.33 6.33 -19.23
CA LEU C 11 -2.23 6.28 -20.68
C LEU C 11 -1.21 5.22 -21.10
N PRO C 12 -1.33 4.71 -22.32
CA PRO C 12 -0.30 3.78 -22.83
C PRO C 12 1.05 4.46 -22.87
N ALA C 13 2.11 3.66 -22.69
CA ALA C 13 3.46 4.21 -22.71
C ALA C 13 3.74 5.02 -23.97
N ALA C 14 3.28 4.52 -25.12
CA ALA C 14 3.54 5.23 -26.36
C ALA C 14 2.93 6.63 -26.32
N GLU C 15 1.79 6.76 -25.66
CA GLU C 15 1.14 8.06 -25.58
C GLU C 15 1.82 8.97 -24.57
N ILE C 16 2.32 8.39 -23.47
CA ILE C 16 3.08 9.18 -22.49
C ILE C 16 4.32 9.77 -23.15
N VAL C 17 5.05 8.94 -23.90
CA VAL C 17 6.26 9.40 -24.56
C VAL C 17 5.93 10.41 -25.65
N ARG C 18 4.83 10.19 -26.38
CA ARG C 18 4.37 11.18 -27.36
C ARG C 18 4.16 12.54 -26.70
N LEU C 19 3.48 12.56 -25.55
CA LEU C 19 3.27 13.82 -24.84
C LEU C 19 4.59 14.41 -24.38
N ALA C 20 5.49 13.58 -23.85
CA ALA C 20 6.77 14.08 -23.34
C ALA C 20 7.56 14.80 -24.44
N ASN C 21 7.49 14.30 -25.66
CA ASN C 21 8.28 14.79 -26.78
C ASN C 21 7.62 15.93 -27.53
N SER C 22 6.38 16.27 -27.18
CA SER C 22 5.70 17.39 -27.82
C SER C 22 6.20 18.72 -27.31
N GLN C 23 6.53 19.59 -28.25
CA GLN C 23 6.89 20.97 -27.90
C GLN C 23 5.82 21.67 -27.10
N SER C 24 4.59 21.19 -27.11
CA SER C 24 3.50 21.81 -26.35
C SER C 24 3.00 20.90 -25.20
N SER C 25 3.90 20.24 -24.42
CA SER C 25 3.48 19.43 -23.26
C SER C 25 3.55 20.29 -21.98
N SER C 26 2.85 21.42 -22.00
CA SER C 26 2.99 22.42 -20.96
C SER C 26 2.43 21.93 -19.62
N GLY C 27 3.32 21.74 -18.64
CA GLY C 27 2.95 21.35 -17.28
C GLY C 27 2.96 19.86 -17.05
N LEU C 28 3.65 19.08 -17.87
CA LEU C 28 3.51 17.69 -17.52
C LEU C 28 4.52 17.31 -16.45
N PRO C 29 4.10 16.51 -15.46
CA PRO C 29 5.01 16.12 -14.38
C PRO C 29 6.03 15.11 -14.84
N LEU C 30 6.88 15.51 -15.78
CA LEU C 30 7.92 14.67 -16.34
C LEU C 30 9.26 15.42 -16.31
N PRO C 31 10.34 14.72 -15.96
CA PRO C 31 11.68 15.32 -16.12
C PRO C 31 12.04 15.34 -17.59
N LYS C 32 13.05 16.13 -17.91
CA LYS C 32 13.39 16.15 -19.32
C LYS C 32 14.52 15.14 -19.56
N ALA C 33 14.34 14.32 -20.59
CA ALA C 33 15.16 13.12 -20.77
C ALA C 33 16.61 13.45 -21.13
N ASP C 34 17.50 12.59 -20.64
CA ASP C 34 18.91 12.64 -20.97
C ASP C 34 19.09 12.17 -22.40
N PRO C 35 19.59 13.01 -23.33
CA PRO C 35 19.74 12.54 -24.71
C PRO C 35 20.64 11.31 -24.81
N ALA C 36 21.68 11.22 -23.98
CA ALA C 36 22.53 10.04 -24.03
C ALA C 36 21.78 8.79 -23.58
N THR C 37 20.88 8.94 -22.60
CA THR C 37 20.04 7.83 -22.16
C THR C 37 19.05 7.41 -23.24
N VAL C 38 18.39 8.39 -23.86
CA VAL C 38 17.41 8.10 -24.91
C VAL C 38 18.08 7.33 -26.04
N LYS C 39 19.28 7.74 -26.43
CA LYS C 39 19.97 7.07 -27.52
C LYS C 39 20.36 5.65 -27.15
N ALA C 40 20.84 5.43 -25.92
CA ALA C 40 21.16 4.07 -25.48
C ALA C 40 19.92 3.19 -25.49
N THR C 41 18.79 3.73 -25.06
CA THR C 41 17.54 2.98 -25.08
C THR C 41 17.13 2.63 -26.51
N ASP C 42 17.16 3.63 -27.41
CA ASP C 42 16.77 3.38 -28.80
C ASP C 42 17.72 2.42 -29.49
N ASP C 43 19.03 2.48 -29.19
CA ASP C 43 19.97 1.50 -29.75
C ASP C 43 19.63 0.09 -29.28
N PHE C 44 19.32 -0.06 -27.98
CA PHE C 44 18.94 -1.36 -27.46
C PHE C 44 17.72 -1.91 -28.18
N ILE C 45 16.68 -1.10 -28.32
CA ILE C 45 15.47 -1.58 -28.98
C ILE C 45 15.76 -1.86 -30.45
N ASP C 46 16.55 -1.01 -31.10
CA ASP C 46 16.95 -1.26 -32.49
C ASP C 46 17.60 -2.64 -32.65
N SER C 47 18.46 -3.01 -31.70
CA SER C 47 19.17 -4.28 -31.77
C SER C 47 18.25 -5.48 -31.62
N LEU C 48 17.02 -5.30 -31.12
CA LEU C 48 16.10 -6.41 -30.96
C LEU C 48 15.32 -6.70 -32.23
N GLN C 49 15.31 -5.78 -33.19
CA GLN C 49 14.50 -5.95 -34.37
C GLN C 49 15.00 -7.14 -35.19
N GLY C 50 14.07 -8.00 -35.57
CA GLY C 50 14.36 -9.19 -36.33
C GLY C 50 14.36 -10.44 -35.49
N LYS C 51 14.51 -10.30 -34.17
CA LYS C 51 14.48 -11.43 -33.27
C LYS C 51 13.04 -11.88 -33.05
N ALA C 52 12.90 -13.13 -32.65
CA ALA C 52 11.59 -13.64 -32.30
C ALA C 52 10.97 -12.76 -31.21
N ALA C 53 9.64 -12.60 -31.29
CA ALA C 53 8.94 -11.76 -30.33
C ALA C 53 9.24 -12.15 -28.89
N HIS C 54 9.28 -13.47 -28.60
CA HIS C 54 9.58 -13.94 -27.23
C HIS C 54 10.93 -13.43 -26.77
N ASP C 55 11.91 -13.44 -27.68
CA ASP C 55 13.28 -13.08 -27.35
C ASP C 55 13.41 -11.59 -27.12
N GLN C 56 12.73 -10.78 -27.95
CA GLN C 56 12.69 -9.34 -27.71
C GLN C 56 12.13 -9.05 -26.33
N LYS C 57 11.00 -9.69 -26.00
CA LYS C 57 10.35 -9.44 -24.72
C LYS C 57 11.17 -10.02 -23.57
N GLN C 58 11.87 -11.14 -23.79
CA GLN C 58 12.77 -11.64 -22.75
C GLN C 58 13.88 -10.65 -22.44
N LYS C 59 14.49 -10.07 -23.49
CA LYS C 59 15.62 -9.16 -23.28
C LYS C 59 15.19 -7.87 -22.60
N LEU C 60 14.14 -7.23 -23.10
CA LEU C 60 13.65 -6.04 -22.39
C LEU C 60 13.10 -6.42 -21.03
N GLY C 61 12.39 -7.54 -20.95
CA GLY C 61 11.80 -7.95 -19.69
C GLY C 61 12.81 -8.16 -18.59
N ASP C 62 13.98 -8.69 -18.93
CA ASP C 62 15.01 -8.85 -17.90
C ASP C 62 15.32 -7.52 -17.21
N GLN C 63 15.43 -6.46 -18.00
CA GLN C 63 15.73 -5.15 -17.45
C GLN C 63 14.52 -4.57 -16.72
N LEU C 64 13.33 -4.72 -17.31
CA LEU C 64 12.11 -4.19 -16.70
C LEU C 64 11.78 -4.92 -15.40
N PHE C 65 11.95 -6.24 -15.39
CA PHE C 65 11.77 -7.00 -14.17
C PHE C 65 12.70 -6.50 -13.08
N LYS C 66 13.95 -6.25 -13.44
CA LYS C 66 14.95 -5.76 -12.51
C LYS C 66 14.55 -4.39 -11.97
N LYS C 67 13.99 -3.53 -12.83
CA LYS C 67 13.58 -2.19 -12.40
C LYS C 67 12.39 -2.26 -11.44
N ILE C 68 11.41 -3.10 -11.75
CA ILE C 68 10.24 -3.23 -10.90
C ILE C 68 10.64 -3.82 -9.54
N ARG C 69 11.62 -4.74 -9.54
CA ARG C 69 12.06 -5.27 -8.25
C ARG C 69 12.74 -4.19 -7.40
N THR C 70 13.40 -3.21 -8.03
CA THR C 70 13.98 -2.13 -7.23
C THR C 70 12.92 -1.18 -6.69
N PHE C 71 11.73 -1.17 -7.30
CA PHE C 71 10.62 -0.41 -6.74
C PHE C 71 10.07 -1.05 -5.47
N GLY C 72 10.44 -2.30 -5.18
CA GLY C 72 9.93 -3.00 -4.02
C GLY C 72 8.59 -3.67 -4.20
N VAL C 73 8.17 -3.97 -5.44
CA VAL C 73 6.85 -4.51 -5.71
C VAL C 73 6.93 -6.00 -5.97
N LYS C 74 6.19 -6.78 -5.20
CA LYS C 74 6.11 -8.21 -5.50
C LYS C 74 5.15 -8.53 -6.64
N GLY C 75 5.37 -9.70 -7.21
CA GLY C 75 4.68 -10.06 -8.41
C GLY C 75 5.36 -9.43 -9.61
N ALA C 76 6.64 -9.06 -9.47
CA ALA C 76 7.37 -8.41 -10.56
C ALA C 76 7.38 -9.19 -11.87
N PRO C 77 7.58 -10.53 -11.88
CA PRO C 77 7.53 -11.24 -13.17
C PRO C 77 6.21 -11.10 -13.88
N LYS C 78 5.12 -11.26 -13.12
CA LYS C 78 3.78 -11.21 -13.70
C LYS C 78 3.45 -9.80 -14.18
N LEU C 79 3.89 -8.79 -13.44
CA LEU C 79 3.73 -7.39 -13.89
C LEU C 79 4.54 -7.14 -15.13
N THR C 80 5.77 -7.66 -15.16
CA THR C 80 6.63 -7.46 -16.33
C THR C 80 6.00 -8.07 -17.58
N ILE C 81 5.47 -9.29 -17.46
CA ILE C 81 4.86 -9.93 -18.62
C ILE C 81 3.67 -9.11 -19.09
N HIS C 82 2.84 -8.66 -18.16
CA HIS C 82 1.66 -7.89 -18.53
C HIS C 82 2.03 -6.63 -19.28
N LEU C 83 3.03 -5.89 -18.79
CA LEU C 83 3.47 -4.67 -19.46
C LEU C 83 4.04 -4.99 -20.84
N LEU C 84 4.87 -6.03 -20.94
CA LEU C 84 5.43 -6.37 -22.24
C LEU C 84 4.35 -6.75 -23.24
N ASP C 85 3.25 -7.30 -22.73
CA ASP C 85 2.18 -7.75 -23.61
C ASP C 85 1.14 -6.68 -23.90
N SER C 86 1.21 -5.53 -23.24
CA SER C 86 0.21 -4.49 -23.43
C SER C 86 0.78 -3.15 -23.89
N GLU C 87 2.09 -2.99 -23.94
CA GLU C 87 2.70 -1.69 -24.24
C GLU C 87 3.62 -1.81 -25.44
N ASP C 88 3.80 -0.69 -26.13
CA ASP C 88 4.80 -0.62 -27.19
C ASP C 88 6.19 -0.79 -26.56
N LEU C 89 6.98 -1.72 -27.11
CA LEU C 89 8.24 -2.07 -26.45
C LEU C 89 9.17 -0.87 -26.37
N ARG C 90 9.30 -0.11 -27.45
CA ARG C 90 10.22 1.03 -27.43
C ARG C 90 9.77 2.08 -26.40
N ALA C 91 8.47 2.42 -26.40
CA ALA C 91 8.00 3.41 -25.43
C ALA C 91 8.14 2.91 -24.00
N LEU C 92 7.85 1.63 -23.78
CA LEU C 92 7.99 1.03 -22.46
C LEU C 92 9.44 1.12 -21.96
N ALA C 93 10.41 0.88 -22.86
CA ALA C 93 11.82 1.01 -22.49
C ALA C 93 12.17 2.45 -22.12
N HIS C 94 11.61 3.43 -22.83
CA HIS C 94 11.87 4.82 -22.48
C HIS C 94 11.26 5.19 -21.14
N LEU C 95 10.09 4.63 -20.80
CA LEU C 95 9.57 4.84 -19.44
C LEU C 95 10.54 4.27 -18.42
N MET C 96 11.04 3.07 -18.69
CA MET C 96 11.95 2.40 -17.76
C MET C 96 13.20 3.23 -17.53
N ASN C 97 13.76 3.80 -18.59
CA ASN C 97 15.07 4.43 -18.51
C ASN C 97 15.03 5.94 -18.32
N SER C 98 13.95 6.62 -18.72
CA SER C 98 13.87 8.07 -18.60
C SER C 98 12.69 8.61 -17.80
N TYR C 99 11.64 7.82 -17.55
CA TYR C 99 10.46 8.32 -16.84
C TYR C 99 10.06 7.35 -15.73
N GLU C 100 11.03 7.00 -14.87
CA GLU C 100 10.78 5.92 -13.91
C GLU C 100 9.63 6.24 -12.96
N ASP C 101 9.42 7.53 -12.64
CA ASP C 101 8.34 7.84 -11.70
C ASP C 101 6.97 7.55 -12.30
N VAL C 102 6.77 7.88 -13.58
CA VAL C 102 5.50 7.52 -14.20
C VAL C 102 5.41 6.02 -14.37
N LEU C 103 6.54 5.34 -14.60
CA LEU C 103 6.51 3.88 -14.65
C LEU C 103 6.08 3.30 -13.30
N LYS C 104 6.63 3.82 -12.19
CA LYS C 104 6.20 3.32 -10.90
C LYS C 104 4.70 3.52 -10.71
N GLU C 105 4.20 4.68 -11.12
CA GLU C 105 2.77 4.95 -10.99
C GLU C 105 1.96 4.05 -11.91
N LYS C 106 2.45 3.78 -13.12
CA LYS C 106 1.79 2.79 -13.96
C LYS C 106 1.75 1.44 -13.27
N VAL C 107 2.85 1.06 -12.62
CA VAL C 107 2.88 -0.21 -11.90
C VAL C 107 1.87 -0.20 -10.75
N GLN C 108 1.71 0.95 -10.08
CA GLN C 108 0.71 1.06 -9.02
C GLN C 108 -0.70 0.83 -9.55
N HIS C 109 -1.02 1.36 -10.74
CA HIS C 109 -2.30 1.03 -11.38
C HIS C 109 -2.47 -0.47 -11.49
N LYS C 110 -1.42 -1.18 -11.94
CA LYS C 110 -1.55 -2.63 -12.12
C LYS C 110 -1.71 -3.34 -10.79
N VAL C 111 -0.98 -2.90 -9.77
CA VAL C 111 -1.13 -3.52 -8.47
C VAL C 111 -2.54 -3.29 -7.94
N ALA C 112 -3.07 -2.07 -8.13
CA ALA C 112 -4.42 -1.77 -7.67
C ALA C 112 -5.47 -2.60 -8.39
N ALA C 113 -5.16 -3.10 -9.58
CA ALA C 113 -6.07 -3.99 -10.30
C ALA C 113 -5.76 -5.47 -10.07
N GLY C 114 -4.84 -5.78 -9.16
CA GLY C 114 -4.53 -7.17 -8.85
C GLY C 114 -3.72 -7.89 -9.91
N LEU C 115 -3.12 -7.17 -10.85
CA LEU C 115 -2.46 -7.80 -11.99
C LEU C 115 -1.11 -8.40 -11.64
N ASN C 116 -0.61 -8.19 -10.43
CA ASN C 116 0.60 -8.83 -9.95
C ASN C 116 0.34 -10.07 -9.13
N LYS C 117 -0.92 -10.48 -8.99
CA LYS C 117 -1.26 -11.70 -8.26
C LYS C 117 -1.68 -12.78 -9.25
N LYS D 1 12.66 -22.36 -23.44
CA LYS D 1 13.36 -21.08 -23.50
C LYS D 1 12.38 -19.93 -23.33
N LEU D 2 12.56 -18.90 -24.14
CA LEU D 2 11.58 -17.81 -24.17
C LEU D 2 10.32 -18.33 -24.85
N LYS D 3 9.36 -18.76 -24.07
CA LYS D 3 8.02 -18.96 -24.62
C LYS D 3 7.13 -18.02 -23.81
N PRO D 4 6.90 -18.21 -22.52
CA PRO D 4 6.61 -17.04 -21.71
C PRO D 4 7.97 -16.41 -21.49
N TYR D 5 8.00 -15.35 -20.75
CA TYR D 5 9.33 -14.81 -20.55
C TYR D 5 9.70 -15.13 -19.10
N VAL D 6 10.98 -15.30 -18.86
CA VAL D 6 11.40 -15.92 -17.62
C VAL D 6 12.34 -14.97 -16.89
N PHE D 7 11.92 -14.52 -15.73
CA PHE D 7 12.74 -13.60 -14.98
C PHE D 7 12.99 -14.20 -13.60
N ASP D 8 14.24 -14.50 -13.30
CA ASP D 8 14.64 -15.26 -12.12
C ASP D 8 15.60 -14.40 -11.31
N TYR D 9 15.31 -14.22 -10.02
CA TYR D 9 16.24 -13.54 -9.13
C TYR D 9 16.26 -14.20 -7.75
N GLU E 1 -17.84 -16.63 3.25
CA GLU E 1 -16.48 -16.15 3.04
C GLU E 1 -15.79 -15.89 4.37
N ALA E 2 -15.00 -16.86 4.84
CA ALA E 2 -14.14 -16.65 5.99
C ALA E 2 -12.93 -15.84 5.55
N TYR E 3 -12.86 -14.59 5.99
CA TYR E 3 -11.68 -13.77 5.74
C TYR E 3 -10.47 -14.34 6.48
N THR E 4 -9.32 -14.31 5.82
CA THR E 4 -8.05 -14.37 6.55
C THR E 4 -7.66 -12.96 6.98
N LEU E 5 -6.67 -12.88 7.87
CA LEU E 5 -6.11 -11.58 8.23
C LEU E 5 -5.63 -10.82 6.99
N SER E 6 -5.01 -11.52 6.04
CA SER E 6 -4.46 -10.81 4.89
C SER E 6 -5.58 -10.29 3.99
N THR E 7 -6.59 -11.11 3.73
CA THR E 7 -7.68 -10.64 2.88
C THR E 7 -8.49 -9.54 3.58
N LEU E 8 -8.67 -9.64 4.90
CA LEU E 8 -9.35 -8.58 5.61
C LEU E 8 -8.56 -7.27 5.52
N ALA E 9 -7.25 -7.34 5.70
CA ALA E 9 -6.40 -6.15 5.71
C ALA E 9 -6.28 -5.51 4.33
N ALA E 10 -6.64 -6.22 3.26
CA ALA E 10 -6.65 -5.62 1.93
C ALA E 10 -7.83 -4.70 1.71
N LEU E 11 -8.85 -4.74 2.57
CA LEU E 11 -9.98 -3.84 2.45
C LEU E 11 -9.66 -2.48 3.04
N PRO E 12 -10.38 -1.43 2.61
CA PRO E 12 -10.18 -0.12 3.25
C PRO E 12 -10.48 -0.19 4.73
N ALA E 13 -9.78 0.65 5.51
CA ALA E 13 -9.98 0.65 6.96
C ALA E 13 -11.46 0.80 7.32
N ALA E 14 -12.17 1.69 6.63
CA ALA E 14 -13.57 1.90 6.99
C ALA E 14 -14.38 0.63 6.82
N GLU E 15 -14.03 -0.19 5.81
CA GLU E 15 -14.80 -1.41 5.59
C GLU E 15 -14.44 -2.49 6.61
N ILE E 16 -13.18 -2.53 7.02
CA ILE E 16 -12.75 -3.47 8.06
C ILE E 16 -13.51 -3.21 9.34
N VAL E 17 -13.60 -1.95 9.73
CA VAL E 17 -14.28 -1.56 10.96
C VAL E 17 -15.78 -1.79 10.84
N ARG E 18 -16.35 -1.52 9.66
CA ARG E 18 -17.75 -1.86 9.43
C ARG E 18 -18.00 -3.34 9.66
N LEU E 19 -17.12 -4.19 9.12
CA LEU E 19 -17.26 -5.64 9.34
C LEU E 19 -17.07 -6.00 10.81
N ALA E 20 -16.09 -5.40 11.47
CA ALA E 20 -15.86 -5.66 12.89
C ALA E 20 -17.08 -5.31 13.74
N ASN E 21 -17.81 -4.26 13.37
CA ASN E 21 -18.92 -3.75 14.17
C ASN E 21 -20.26 -4.41 13.88
N SER E 22 -20.35 -5.25 12.85
CA SER E 22 -21.56 -6.03 12.56
C SER E 22 -21.62 -7.22 13.50
N GLN E 23 -22.79 -7.45 14.11
CA GLN E 23 -22.94 -8.67 14.90
C GLN E 23 -22.58 -9.84 14.00
N SER E 24 -22.65 -9.56 12.68
CA SER E 24 -22.38 -10.49 11.60
C SER E 24 -20.88 -10.74 11.36
N SER E 25 -20.05 -10.70 12.41
CA SER E 25 -18.62 -10.98 12.27
C SER E 25 -18.30 -12.43 12.67
N SER E 26 -19.08 -13.33 12.09
CA SER E 26 -18.86 -14.72 12.44
C SER E 26 -17.67 -15.18 11.61
N GLY E 27 -16.52 -15.36 12.26
CA GLY E 27 -15.28 -15.81 11.65
C GLY E 27 -14.29 -14.74 11.25
N LEU E 28 -14.41 -13.53 11.79
CA LEU E 28 -13.35 -12.64 11.39
C LEU E 28 -12.16 -12.81 12.31
N PRO E 29 -10.94 -12.81 11.77
CA PRO E 29 -9.76 -12.98 12.61
C PRO E 29 -9.44 -11.73 13.42
N LEU E 30 -10.37 -11.32 14.28
CA LEU E 30 -10.20 -10.08 15.03
C LEU E 30 -10.40 -10.29 16.52
N PRO E 31 -9.67 -9.57 17.37
CA PRO E 31 -10.02 -9.55 18.78
C PRO E 31 -11.30 -8.76 19.00
N LYS E 32 -11.93 -8.98 20.15
CA LYS E 32 -13.05 -8.14 20.51
C LYS E 32 -12.52 -6.82 21.06
N ALA E 33 -12.98 -5.71 20.48
CA ALA E 33 -12.45 -4.42 20.87
C ALA E 33 -12.89 -4.06 22.28
N ASP E 34 -12.00 -3.37 22.98
CA ASP E 34 -12.29 -2.83 24.30
C ASP E 34 -13.15 -1.58 24.15
N PRO E 35 -14.37 -1.55 24.70
CA PRO E 35 -15.21 -0.36 24.51
C PRO E 35 -14.58 0.94 25.03
N ALA E 36 -13.83 0.90 26.12
CA ALA E 36 -13.19 2.12 26.61
C ALA E 36 -12.14 2.63 25.63
N THR E 37 -11.40 1.71 24.99
CA THR E 37 -10.46 2.09 23.96
C THR E 37 -11.18 2.68 22.75
N VAL E 38 -12.28 2.04 22.34
CA VAL E 38 -13.04 2.56 21.21
C VAL E 38 -13.55 3.96 21.50
N LYS E 39 -14.05 4.19 22.71
CA LYS E 39 -14.54 5.55 22.94
C LYS E 39 -13.41 6.57 23.03
N ALA E 40 -12.28 6.23 23.64
CA ALA E 40 -11.17 7.16 23.67
C ALA E 40 -10.70 7.50 22.26
N THR E 41 -10.67 6.50 21.37
CA THR E 41 -10.30 6.75 19.98
C THR E 41 -11.28 7.73 19.32
N ASP E 42 -12.59 7.46 19.47
CA ASP E 42 -13.58 8.32 18.84
C ASP E 42 -13.56 9.72 19.45
N ASP E 43 -13.31 9.84 20.76
CA ASP E 43 -13.21 11.17 21.36
C ASP E 43 -12.04 11.94 20.75
N PHE E 44 -10.91 11.27 20.55
CA PHE E 44 -9.75 11.90 19.93
C PHE E 44 -10.08 12.38 18.52
N ILE E 45 -10.68 11.51 17.71
CA ILE E 45 -11.02 11.90 16.35
C ILE E 45 -12.08 12.98 16.35
N ASP E 46 -13.07 12.88 17.25
CA ASP E 46 -14.05 13.95 17.39
C ASP E 46 -13.38 15.29 17.61
N SER E 47 -12.37 15.33 18.48
CA SER E 47 -11.68 16.57 18.82
C SER E 47 -10.92 17.15 17.62
N LEU E 48 -10.68 16.35 16.59
CA LEU E 48 -9.98 16.83 15.41
C LEU E 48 -10.92 17.47 14.39
N GLN E 49 -12.22 17.21 14.48
CA GLN E 49 -13.16 17.76 13.51
C GLN E 49 -13.17 19.27 13.65
N GLY E 50 -13.06 19.97 12.53
CA GLY E 50 -12.98 21.41 12.57
C GLY E 50 -11.57 21.94 12.40
N LYS E 51 -10.56 21.10 12.61
CA LYS E 51 -9.19 21.47 12.27
C LYS E 51 -8.98 21.32 10.77
N ALA E 52 -8.00 22.04 10.24
CA ALA E 52 -7.63 21.86 8.85
C ALA E 52 -7.22 20.41 8.62
N ALA E 53 -7.49 19.91 7.41
CA ALA E 53 -7.16 18.52 7.10
C ALA E 53 -5.69 18.21 7.40
N HIS E 54 -4.76 19.10 6.99
CA HIS E 54 -3.34 18.84 7.23
C HIS E 54 -3.06 18.69 8.72
N ASP E 55 -3.75 19.47 9.55
CA ASP E 55 -3.54 19.41 10.99
C ASP E 55 -4.14 18.15 11.59
N GLN E 56 -5.31 17.73 11.09
CA GLN E 56 -5.86 16.44 11.50
C GLN E 56 -4.89 15.32 11.18
N LYS E 57 -4.34 15.32 9.97
CA LYS E 57 -3.44 14.23 9.60
C LYS E 57 -2.14 14.29 10.36
N GLN E 58 -1.66 15.49 10.68
CA GLN E 58 -0.49 15.61 11.53
C GLN E 58 -0.74 15.01 12.91
N LYS E 59 -1.89 15.33 13.51
CA LYS E 59 -2.16 14.88 14.87
C LYS E 59 -2.35 13.36 14.92
N LEU E 60 -3.17 12.80 14.04
CA LEU E 60 -3.27 11.33 14.00
C LEU E 60 -1.95 10.71 13.57
N GLY E 61 -1.29 11.32 12.57
CA GLY E 61 -0.04 10.78 12.08
C GLY E 61 1.02 10.68 13.16
N ASP E 62 1.04 11.64 14.09
CA ASP E 62 1.98 11.57 15.21
C ASP E 62 1.85 10.23 15.92
N GLN E 63 0.61 9.81 16.19
CA GLN E 63 0.39 8.55 16.88
C GLN E 63 0.63 7.36 15.96
N LEU E 64 0.14 7.47 14.72
CA LEU E 64 0.27 6.37 13.78
C LEU E 64 1.72 6.11 13.45
N PHE E 65 2.52 7.17 13.26
CA PHE E 65 3.94 7.01 12.96
C PHE E 65 4.67 6.30 14.11
N LYS E 66 4.34 6.65 15.36
CA LYS E 66 4.94 5.96 16.51
C LYS E 66 4.66 4.47 16.46
N LYS E 67 3.48 4.09 16.03
CA LYS E 67 3.15 2.67 15.91
C LYS E 67 3.90 2.01 14.75
N ILE E 68 3.82 2.62 13.56
CA ILE E 68 4.39 1.98 12.36
C ILE E 68 5.90 1.88 12.43
N ARG E 69 6.57 2.83 13.09
CA ARG E 69 8.02 2.81 13.18
C ARG E 69 8.53 1.56 13.91
N THR E 70 7.71 0.94 14.75
CA THR E 70 8.03 -0.31 15.44
C THR E 70 7.78 -1.58 14.63
N PHE E 71 7.08 -1.51 13.50
CA PHE E 71 6.76 -2.72 12.74
C PHE E 71 7.96 -3.35 12.06
N GLY E 72 9.11 -2.67 11.97
CA GLY E 72 10.29 -3.24 11.36
C GLY E 72 10.42 -3.12 9.86
N VAL E 73 9.67 -2.20 9.24
CA VAL E 73 9.75 -1.94 7.81
C VAL E 73 10.34 -0.56 7.61
N LYS E 74 11.27 -0.43 6.66
CA LYS E 74 11.79 0.89 6.36
C LYS E 74 10.70 1.75 5.71
N GLY E 75 10.87 3.06 5.80
CA GLY E 75 9.91 3.97 5.19
C GLY E 75 8.67 4.27 6.01
N ALA E 76 8.75 4.14 7.33
CA ALA E 76 7.58 4.42 8.16
C ALA E 76 6.96 5.78 7.90
N PRO E 77 7.72 6.87 7.69
CA PRO E 77 7.06 8.15 7.38
C PRO E 77 6.24 8.08 6.11
N LYS E 78 6.76 7.46 5.05
CA LYS E 78 6.02 7.42 3.81
C LYS E 78 4.81 6.52 3.92
N LEU E 79 4.93 5.40 4.66
CA LEU E 79 3.78 4.55 4.91
C LEU E 79 2.69 5.29 5.68
N THR E 80 3.10 6.06 6.70
CA THR E 80 2.14 6.80 7.50
C THR E 80 1.42 7.83 6.66
N ILE E 81 2.16 8.57 5.84
CA ILE E 81 1.55 9.58 4.97
C ILE E 81 0.58 8.91 4.01
N HIS E 82 0.99 7.78 3.41
CA HIS E 82 0.13 7.10 2.45
C HIS E 82 -1.17 6.66 3.07
N LEU E 83 -1.12 6.10 4.29
CA LEU E 83 -2.34 5.69 4.97
C LEU E 83 -3.22 6.90 5.30
N LEU E 84 -2.59 7.98 5.76
CA LEU E 84 -3.36 9.18 6.07
C LEU E 84 -4.05 9.75 4.84
N ASP E 85 -3.47 9.55 3.65
CA ASP E 85 -4.05 10.11 2.44
C ASP E 85 -5.01 9.16 1.72
N SER E 86 -5.12 7.91 2.15
CA SER E 86 -5.93 6.92 1.44
C SER E 86 -7.01 6.25 2.28
N GLU E 87 -7.04 6.49 3.59
CA GLU E 87 -7.98 5.81 4.47
C GLU E 87 -8.83 6.82 5.22
N ASP E 88 -10.01 6.39 5.61
CA ASP E 88 -10.82 7.20 6.50
C ASP E 88 -10.11 7.37 7.84
N LEU E 89 -9.97 8.63 8.28
CA LEU E 89 -9.13 8.89 9.45
C LEU E 89 -9.66 8.18 10.70
N ARG E 90 -10.98 8.22 10.92
CA ARG E 90 -11.53 7.57 12.11
C ARG E 90 -11.29 6.08 12.08
N ALA E 91 -11.59 5.44 10.94
CA ALA E 91 -11.38 4.00 10.87
C ALA E 91 -9.92 3.66 11.03
N LEU E 92 -9.03 4.47 10.45
CA LEU E 92 -7.60 4.22 10.59
C LEU E 92 -7.16 4.29 12.05
N ALA E 93 -7.70 5.25 12.79
CA ALA E 93 -7.36 5.36 14.21
C ALA E 93 -7.83 4.13 14.99
N HIS E 94 -8.99 3.58 14.65
CA HIS E 94 -9.44 2.35 15.33
C HIS E 94 -8.56 1.16 14.96
N LEU E 95 -8.09 1.09 13.72
CA LEU E 95 -7.12 0.04 13.39
C LEU E 95 -5.87 0.19 14.25
N MET E 96 -5.39 1.43 14.38
CA MET E 96 -4.19 1.71 15.16
C MET E 96 -4.36 1.29 16.63
N ASN E 97 -5.52 1.58 17.22
CA ASN E 97 -5.68 1.38 18.65
C ASN E 97 -6.37 0.09 19.04
N SER E 98 -7.16 -0.50 18.15
CA SER E 98 -7.91 -1.69 18.53
C SER E 98 -7.61 -2.92 17.68
N TYR E 99 -7.07 -2.74 16.47
CA TYR E 99 -6.83 -3.86 15.58
C TYR E 99 -5.43 -3.78 14.99
N GLU E 100 -4.43 -3.69 15.87
CA GLU E 100 -3.07 -3.44 15.41
C GLU E 100 -2.56 -4.53 14.49
N ASP E 101 -2.98 -5.79 14.70
CA ASP E 101 -2.49 -6.85 13.82
C ASP E 101 -3.02 -6.66 12.40
N VAL E 102 -4.27 -6.21 12.25
CA VAL E 102 -4.78 -5.93 10.92
C VAL E 102 -4.01 -4.77 10.30
N LEU E 103 -3.64 -3.78 11.12
CA LEU E 103 -2.83 -2.66 10.64
C LEU E 103 -1.46 -3.14 10.17
N LYS E 104 -0.83 -4.03 10.95
CA LYS E 104 0.44 -4.56 10.49
C LYS E 104 0.29 -5.27 9.15
N GLU E 105 -0.77 -6.06 8.99
CA GLU E 105 -0.96 -6.74 7.71
C GLU E 105 -1.28 -5.75 6.59
N LYS E 106 -2.06 -4.70 6.90
CA LYS E 106 -2.27 -3.66 5.90
C LYS E 106 -0.96 -3.03 5.49
N VAL E 107 -0.07 -2.76 6.47
CA VAL E 107 1.22 -2.21 6.12
C VAL E 107 2.02 -3.18 5.25
N GLN E 108 1.92 -4.48 5.54
CA GLN E 108 2.63 -5.44 4.68
C GLN E 108 2.12 -5.36 3.24
N HIS E 109 0.80 -5.21 3.06
CA HIS E 109 0.27 -4.98 1.70
C HIS E 109 0.91 -3.77 1.04
N LYS E 110 1.07 -2.67 1.79
CA LYS E 110 1.65 -1.46 1.21
C LYS E 110 3.12 -1.66 0.88
N VAL E 111 3.85 -2.37 1.74
CA VAL E 111 5.24 -2.66 1.45
C VAL E 111 5.32 -3.52 0.19
N ALA E 112 4.40 -4.47 0.07
CA ALA E 112 4.35 -5.33 -1.11
C ALA E 112 4.05 -4.56 -2.39
N ALA E 113 3.45 -3.37 -2.27
CA ALA E 113 3.21 -2.50 -3.41
C ALA E 113 4.30 -1.45 -3.58
N GLY E 114 5.38 -1.53 -2.81
CA GLY E 114 6.49 -0.60 -2.90
C GLY E 114 6.22 0.77 -2.32
N LEU E 115 5.14 0.91 -1.54
CA LEU E 115 4.73 2.24 -1.12
C LEU E 115 5.54 2.79 0.04
N ASN E 116 6.46 2.02 0.61
CA ASN E 116 7.34 2.54 1.64
C ASN E 116 8.67 3.05 1.09
N LYS E 117 8.89 2.96 -0.22
CA LYS E 117 10.11 3.49 -0.81
C LYS E 117 9.78 4.70 -1.66
N LYS F 1 6.15 23.69 8.48
CA LYS F 1 5.41 22.68 9.22
C LYS F 1 4.52 21.79 8.33
N LEU F 2 3.27 21.61 8.77
CA LEU F 2 2.28 20.73 8.16
C LEU F 2 1.80 21.19 6.77
N LYS F 3 2.57 20.83 5.74
CA LYS F 3 2.00 20.83 4.40
C LYS F 3 1.77 19.35 4.10
N PRO F 4 2.80 18.52 3.87
CA PRO F 4 2.69 17.13 4.28
C PRO F 4 2.94 17.10 5.78
N TYR F 5 2.90 15.92 6.34
CA TYR F 5 2.93 15.84 7.79
C TYR F 5 4.29 15.30 8.22
N VAL F 6 4.74 15.72 9.39
CA VAL F 6 6.13 15.58 9.77
C VAL F 6 6.22 14.75 11.04
N PHE F 7 6.84 13.60 10.94
CA PHE F 7 6.97 12.73 12.11
C PHE F 7 8.45 12.40 12.29
N ASP F 8 9.00 12.92 13.38
CA ASP F 8 10.41 12.89 13.79
C ASP F 8 10.60 12.29 15.16
N TYR F 9 11.48 11.32 15.23
CA TYR F 9 11.94 10.69 16.45
C TYR F 9 13.45 10.40 16.33
N GLU G 1 41.67 -16.81 4.53
CA GLU G 1 40.49 -17.63 4.33
C GLU G 1 39.32 -16.81 3.83
N ALA G 2 39.06 -16.90 2.52
CA ALA G 2 37.85 -16.34 1.93
C ALA G 2 36.65 -17.19 2.32
N TYR G 3 35.73 -16.60 3.07
CA TYR G 3 34.49 -17.30 3.39
C TYR G 3 33.68 -17.58 2.14
N THR G 4 33.15 -18.78 2.04
CA THR G 4 32.03 -19.05 1.16
C THR G 4 30.73 -18.73 1.90
N LEU G 5 29.64 -18.62 1.14
CA LEU G 5 28.33 -18.46 1.75
C LEU G 5 28.07 -19.56 2.79
N SER G 6 28.47 -20.79 2.48
CA SER G 6 28.17 -21.92 3.36
C SER G 6 28.96 -21.86 4.66
N THR G 7 30.27 -21.59 4.57
CA THR G 7 31.07 -21.51 5.80
C THR G 7 30.68 -20.30 6.64
N LEU G 8 30.34 -19.19 5.98
CA LEU G 8 29.84 -18.03 6.72
C LEU G 8 28.53 -18.34 7.42
N ALA G 9 27.60 -19.01 6.73
CA ALA G 9 26.30 -19.32 7.28
C ALA G 9 26.38 -20.32 8.42
N ALA G 10 27.50 -21.02 8.58
CA ALA G 10 27.70 -21.91 9.73
C ALA G 10 28.03 -21.16 11.01
N LEU G 11 28.36 -19.87 10.93
CA LEU G 11 28.62 -19.10 12.14
C LEU G 11 27.31 -18.63 12.76
N PRO G 12 27.33 -18.34 14.06
CA PRO G 12 26.14 -17.74 14.69
C PRO G 12 25.80 -16.42 14.01
N ALA G 13 24.50 -16.10 14.01
CA ALA G 13 24.05 -14.84 13.42
C ALA G 13 24.82 -13.66 13.95
N ALA G 14 25.05 -13.59 15.26
CA ALA G 14 25.78 -12.45 15.85
C ALA G 14 27.17 -12.32 15.26
N GLU G 15 27.81 -13.45 14.95
CA GLU G 15 29.16 -13.45 14.42
C GLU G 15 29.15 -13.04 12.94
N ILE G 16 28.14 -13.47 12.20
CA ILE G 16 27.98 -13.05 10.80
C ILE G 16 27.82 -11.53 10.71
N VAL G 17 26.97 -10.98 11.57
CA VAL G 17 26.74 -9.55 11.53
C VAL G 17 27.97 -8.79 11.99
N ARG G 18 28.67 -9.32 13.00
CA ARG G 18 29.94 -8.71 13.42
C ARG G 18 30.92 -8.64 12.26
N LEU G 19 31.05 -9.74 11.49
CA LEU G 19 31.92 -9.73 10.32
C LEU G 19 31.42 -8.74 9.28
N ALA G 20 30.11 -8.72 9.03
CA ALA G 20 29.56 -7.80 8.03
C ALA G 20 29.82 -6.35 8.42
N ASN G 21 29.78 -6.06 9.71
CA ASN G 21 29.97 -4.68 10.16
C ASN G 21 31.42 -4.36 10.41
N SER G 22 32.31 -5.35 10.33
CA SER G 22 33.71 -5.08 10.56
C SER G 22 34.25 -4.34 9.35
N GLN G 23 34.78 -3.16 9.58
CA GLN G 23 35.52 -2.37 8.59
C GLN G 23 36.60 -3.18 7.92
N SER G 24 36.85 -4.36 8.48
CA SER G 24 37.77 -5.37 8.02
C SER G 24 37.07 -6.36 7.08
N SER G 25 36.12 -5.94 6.25
CA SER G 25 35.31 -6.95 5.56
C SER G 25 35.89 -7.36 4.21
N SER G 26 37.13 -7.86 4.22
CA SER G 26 37.86 -8.18 3.00
C SER G 26 37.24 -9.45 2.41
N GLY G 27 36.36 -9.31 1.42
CA GLY G 27 35.90 -10.50 0.73
C GLY G 27 34.75 -11.25 1.36
N LEU G 28 33.88 -10.58 2.11
CA LEU G 28 32.85 -11.50 2.54
C LEU G 28 31.76 -11.57 1.48
N PRO G 29 31.22 -12.76 1.23
CA PRO G 29 30.14 -12.89 0.25
C PRO G 29 28.82 -12.35 0.79
N LEU G 30 28.77 -11.06 1.12
CA LEU G 30 27.59 -10.41 1.65
C LEU G 30 27.32 -9.12 0.90
N PRO G 31 26.05 -8.77 0.65
CA PRO G 31 25.75 -7.45 0.11
C PRO G 31 26.00 -6.37 1.17
N LYS G 32 26.19 -5.13 0.70
CA LYS G 32 26.33 -4.01 1.61
C LYS G 32 24.94 -3.64 2.07
N ALA G 33 24.75 -3.57 3.39
CA ALA G 33 23.41 -3.36 3.95
C ALA G 33 22.87 -1.96 3.69
N ASP G 34 21.56 -1.90 3.45
CA ASP G 34 20.84 -0.62 3.33
C ASP G 34 20.66 -0.01 4.71
N PRO G 35 21.23 1.17 4.98
CA PRO G 35 21.10 1.75 6.33
C PRO G 35 19.67 1.97 6.78
N ALA G 36 18.75 2.35 5.88
CA ALA G 36 17.37 2.52 6.29
C ALA G 36 16.75 1.20 6.73
N THR G 37 17.11 0.11 6.04
CA THR G 37 16.67 -1.21 6.48
C THR G 37 17.26 -1.56 7.84
N VAL G 38 18.55 -1.29 8.02
CA VAL G 38 19.19 -1.59 9.31
C VAL G 38 18.50 -0.81 10.43
N LYS G 39 18.18 0.46 10.18
CA LYS G 39 17.55 1.24 11.24
C LYS G 39 16.16 0.70 11.59
N ALA G 40 15.37 0.33 10.57
CA ALA G 40 14.04 -0.22 10.84
C ALA G 40 14.13 -1.54 11.61
N THR G 41 15.10 -2.39 11.27
CA THR G 41 15.25 -3.63 12.01
C THR G 41 15.58 -3.35 13.46
N ASP G 42 16.50 -2.42 13.70
CA ASP G 42 16.88 -2.10 15.07
C ASP G 42 15.73 -1.42 15.83
N ASP G 43 14.95 -0.58 15.14
CA ASP G 43 13.80 0.03 15.81
C ASP G 43 12.81 -1.03 16.26
N PHE G 44 12.58 -2.04 15.41
CA PHE G 44 11.70 -3.15 15.75
C PHE G 44 12.21 -3.91 16.98
N ILE G 45 13.50 -4.30 16.95
CA ILE G 45 14.04 -5.06 18.07
C ILE G 45 14.06 -4.22 19.35
N ASP G 46 14.41 -2.93 19.24
CA ASP G 46 14.33 -2.04 20.39
C ASP G 46 12.92 -2.06 21.00
N SER G 47 11.90 -2.04 20.15
CA SER G 47 10.54 -2.02 20.66
C SER G 47 10.18 -3.32 21.40
N LEU G 48 10.93 -4.39 21.20
CA LEU G 48 10.65 -5.64 21.89
C LEU G 48 11.33 -5.72 23.25
N GLN G 49 12.33 -4.86 23.50
CA GLN G 49 13.10 -4.95 24.74
C GLN G 49 12.20 -4.63 25.92
N GLY G 50 12.19 -5.50 26.91
CA GLY G 50 11.30 -5.32 28.04
C GLY G 50 10.09 -6.23 27.95
N LYS G 51 9.79 -6.76 26.77
CA LYS G 51 8.75 -7.76 26.70
C LYS G 51 9.31 -9.08 27.23
N ALA G 52 8.41 -9.96 27.67
CA ALA G 52 8.82 -11.30 28.03
C ALA G 52 9.48 -11.99 26.84
N ALA G 53 10.46 -12.86 27.14
CA ALA G 53 11.21 -13.57 26.11
C ALA G 53 10.30 -14.31 25.14
N HIS G 54 9.26 -15.03 25.64
CA HIS G 54 8.40 -15.74 24.71
C HIS G 54 7.76 -14.76 23.73
N ASP G 55 7.42 -13.56 24.21
CA ASP G 55 6.74 -12.58 23.38
C ASP G 55 7.66 -11.99 22.34
N GLN G 56 8.91 -11.71 22.74
CA GLN G 56 9.91 -11.26 21.77
C GLN G 56 10.07 -12.28 20.65
N LYS G 57 10.19 -13.56 21.02
CA LYS G 57 10.39 -14.60 20.03
C LYS G 57 9.15 -14.84 19.18
N GLN G 58 7.97 -14.69 19.76
CA GLN G 58 6.74 -14.77 18.96
C GLN G 58 6.70 -13.67 17.91
N LYS G 59 7.05 -12.44 18.31
CA LYS G 59 6.96 -11.28 17.40
C LYS G 59 7.96 -11.39 16.26
N LEU G 60 9.23 -11.65 16.57
CA LEU G 60 10.22 -11.87 15.51
C LEU G 60 9.87 -13.13 14.71
N GLY G 61 9.42 -14.18 15.40
CA GLY G 61 9.09 -15.42 14.72
C GLY G 61 7.99 -15.27 13.70
N ASP G 62 7.00 -14.41 13.98
CA ASP G 62 5.96 -14.14 13.00
C ASP G 62 6.58 -13.72 11.67
N GLN G 63 7.54 -12.82 11.71
CA GLN G 63 8.19 -12.37 10.48
C GLN G 63 9.15 -13.41 9.94
N LEU G 64 9.93 -14.03 10.82
CA LEU G 64 10.93 -15.00 10.36
C LEU G 64 10.29 -16.22 9.70
N PHE G 65 9.18 -16.70 10.29
CA PHE G 65 8.45 -17.83 9.71
C PHE G 65 7.99 -17.51 8.29
N LYS G 66 7.43 -16.32 8.08
CA LYS G 66 7.03 -15.92 6.73
C LYS G 66 8.22 -15.91 5.78
N LYS G 67 9.37 -15.44 6.28
CA LYS G 67 10.58 -15.38 5.46
C LYS G 67 11.10 -16.77 5.08
N ILE G 68 11.19 -17.69 6.05
CA ILE G 68 11.67 -19.06 5.79
C ILE G 68 10.73 -19.80 4.85
N ARG G 69 9.44 -19.54 4.98
CA ARG G 69 8.45 -20.12 4.10
C ARG G 69 8.63 -19.76 2.64
N THR G 70 9.21 -18.59 2.37
CA THR G 70 9.49 -18.26 0.98
C THR G 70 10.68 -19.02 0.44
N PHE G 71 11.51 -19.60 1.31
CA PHE G 71 12.66 -20.37 0.86
C PHE G 71 12.28 -21.70 0.23
N GLY G 72 11.01 -22.12 0.34
CA GLY G 72 10.59 -23.38 -0.25
C GLY G 72 10.94 -24.60 0.57
N VAL G 73 11.17 -24.42 1.86
CA VAL G 73 11.64 -25.49 2.74
C VAL G 73 10.49 -25.99 3.60
N LYS G 74 10.41 -27.31 3.74
CA LYS G 74 9.45 -27.92 4.66
C LYS G 74 9.87 -27.70 6.12
N GLY G 75 8.89 -27.70 7.02
CA GLY G 75 9.21 -27.58 8.44
C GLY G 75 9.52 -26.17 8.89
N ALA G 76 9.05 -25.15 8.18
CA ALA G 76 9.35 -23.77 8.56
C ALA G 76 9.03 -23.44 10.02
N PRO G 77 7.93 -23.93 10.62
CA PRO G 77 7.72 -23.61 12.05
C PRO G 77 8.82 -24.12 12.94
N LYS G 78 9.28 -25.36 12.73
CA LYS G 78 10.32 -25.89 13.60
C LYS G 78 11.67 -25.23 13.33
N LEU G 79 11.95 -24.88 12.07
CA LEU G 79 13.16 -24.12 11.77
C LEU G 79 13.13 -22.76 12.46
N THR G 80 11.98 -22.09 12.46
CA THR G 80 11.89 -20.79 13.10
C THR G 80 12.13 -20.89 14.60
N ILE G 81 11.51 -21.88 15.25
CA ILE G 81 11.69 -22.08 16.68
C ILE G 81 13.16 -22.36 17.01
N HIS G 82 13.81 -23.21 16.23
CA HIS G 82 15.21 -23.53 16.49
C HIS G 82 16.09 -22.30 16.41
N LEU G 83 15.87 -21.48 15.38
CA LEU G 83 16.66 -20.28 15.19
C LEU G 83 16.41 -19.28 16.32
N LEU G 84 15.14 -19.11 16.71
CA LEU G 84 14.81 -18.21 17.80
C LEU G 84 15.46 -18.67 19.11
N ASP G 85 15.64 -19.97 19.27
CA ASP G 85 16.18 -20.51 20.52
C ASP G 85 17.70 -20.66 20.51
N SER G 86 18.37 -20.42 19.37
CA SER G 86 19.81 -20.61 19.28
C SER G 86 20.58 -19.39 18.81
N GLU G 87 19.91 -18.31 18.44
CA GLU G 87 20.58 -17.16 17.85
C GLU G 87 20.24 -15.90 18.64
N ASP G 88 21.15 -14.94 18.58
CA ASP G 88 20.85 -13.62 19.12
C ASP G 88 19.71 -12.99 18.33
N LEU G 89 18.66 -12.54 19.04
CA LEU G 89 17.46 -12.08 18.34
C LEU G 89 17.75 -10.91 17.40
N ARG G 90 18.53 -9.93 17.85
CA ARG G 90 18.79 -8.77 17.00
C ARG G 90 19.57 -9.16 15.75
N ALA G 91 20.64 -9.96 15.92
CA ALA G 91 21.40 -10.40 14.76
C ALA G 91 20.55 -11.24 13.82
N LEU G 92 19.72 -12.12 14.37
CA LEU G 92 18.88 -12.96 13.53
C LEU G 92 17.93 -12.11 12.68
N ALA G 93 17.37 -11.05 13.28
CA ALA G 93 16.51 -10.15 12.51
C ALA G 93 17.28 -9.45 11.40
N HIS G 94 18.54 -9.06 11.66
CA HIS G 94 19.33 -8.46 10.59
C HIS G 94 19.64 -9.46 9.49
N LEU G 95 19.85 -10.74 9.82
CA LEU G 95 19.98 -11.73 8.73
C LEU G 95 18.71 -11.76 7.89
N MET G 96 17.57 -11.76 8.56
CA MET G 96 16.28 -11.85 7.87
C MET G 96 16.09 -10.68 6.91
N ASN G 97 16.45 -9.47 7.34
CA ASN G 97 16.10 -8.28 6.57
C ASN G 97 17.22 -7.75 5.67
N SER G 98 18.49 -8.05 5.96
CA SER G 98 19.59 -7.51 5.16
C SER G 98 20.46 -8.57 4.51
N TYR G 99 20.44 -9.82 4.98
CA TYR G 99 21.31 -10.87 4.45
C TYR G 99 20.54 -12.18 4.24
N GLU G 100 19.41 -12.13 3.51
CA GLU G 100 18.58 -13.33 3.45
C GLU G 100 19.26 -14.47 2.72
N ASP G 101 20.21 -14.18 1.82
CA ASP G 101 20.86 -15.31 1.14
C ASP G 101 21.68 -16.12 2.14
N VAL G 102 22.40 -15.45 3.04
CA VAL G 102 23.13 -16.21 4.06
C VAL G 102 22.14 -16.87 5.03
N LEU G 103 21.00 -16.22 5.29
CA LEU G 103 19.98 -16.85 6.12
C LEU G 103 19.45 -18.12 5.46
N LYS G 104 19.19 -18.06 4.14
CA LYS G 104 18.76 -19.26 3.45
C LYS G 104 19.79 -20.37 3.58
N GLU G 105 21.07 -20.01 3.46
CA GLU G 105 22.12 -21.02 3.59
C GLU G 105 22.19 -21.56 5.02
N LYS G 106 21.99 -20.70 6.02
CA LYS G 106 21.91 -21.18 7.39
C LYS G 106 20.75 -22.14 7.58
N VAL G 107 19.60 -21.83 6.96
CA VAL G 107 18.44 -22.71 7.05
C VAL G 107 18.74 -24.08 6.41
N GLN G 108 19.48 -24.07 5.30
CA GLN G 108 19.83 -25.36 4.69
C GLN G 108 20.68 -26.19 5.62
N HIS G 109 21.62 -25.57 6.34
CA HIS G 109 22.38 -26.29 7.35
C HIS G 109 21.46 -26.97 8.36
N LYS G 110 20.44 -26.26 8.81
CA LYS G 110 19.53 -26.85 9.78
C LYS G 110 18.73 -27.99 9.18
N VAL G 111 18.30 -27.86 7.92
CA VAL G 111 17.57 -28.95 7.28
C VAL G 111 18.48 -30.19 7.19
N ALA G 112 19.76 -30.00 6.84
CA ALA G 112 20.70 -31.12 6.77
C ALA G 112 20.94 -31.75 8.15
N ALA G 113 20.63 -31.05 9.23
CA ALA G 113 20.72 -31.58 10.58
C ALA G 113 19.38 -32.13 11.08
N GLY G 114 18.38 -32.18 10.21
CA GLY G 114 17.07 -32.72 10.57
C GLY G 114 16.25 -31.82 11.46
N LEU G 115 16.65 -30.56 11.60
CA LEU G 115 16.02 -29.67 12.56
C LEU G 115 14.67 -29.15 12.08
N ASN G 116 14.28 -29.43 10.84
CA ASN G 116 12.95 -29.07 10.35
C ASN G 116 11.96 -30.22 10.47
N LYS G 117 12.40 -31.37 10.99
CA LYS G 117 11.55 -32.55 11.18
C LYS G 117 11.26 -32.83 12.65
N LYS H 1 -0.54 -20.76 25.70
CA LYS H 1 -0.17 -19.59 24.90
C LYS H 1 1.20 -19.79 24.24
N LEU H 2 2.06 -18.77 24.31
CA LEU H 2 3.40 -18.83 23.74
C LEU H 2 4.34 -19.73 24.54
N LYS H 3 3.96 -21.00 24.80
CA LYS H 3 4.93 -21.96 25.33
C LYS H 3 5.99 -22.23 24.24
N PRO H 4 5.69 -22.91 23.14
CA PRO H 4 6.44 -22.61 21.91
C PRO H 4 5.79 -21.38 21.29
N TYR H 5 6.31 -20.97 20.17
CA TYR H 5 5.76 -19.79 19.53
C TYR H 5 4.99 -20.28 18.30
N VAL H 6 3.94 -19.57 17.94
CA VAL H 6 2.96 -20.12 17.02
C VAL H 6 2.94 -19.24 15.77
N PHE H 7 3.34 -19.82 14.66
CA PHE H 7 3.46 -19.06 13.41
C PHE H 7 2.53 -19.70 12.40
N ASP H 8 1.57 -18.89 12.01
CA ASP H 8 0.33 -19.15 11.32
C ASP H 8 0.13 -18.30 10.08
N TYR H 9 -0.03 -18.95 8.93
CA TYR H 9 -0.36 -18.29 7.65
C TYR H 9 -1.20 -19.12 6.64
#